data_6NVM
#
_entry.id   6NVM
#
_cell.length_a   76.040
_cell.length_b   76.040
_cell.length_c   104.920
_cell.angle_alpha   90.00
_cell.angle_beta   90.00
_cell.angle_gamma   90.00
#
_symmetry.space_group_name_H-M   'P 43 21 2'
#
loop_
_entity.id
_entity.type
_entity.pdbx_description
1 polymer 'rRNA adenine N-6-methyltransferase'
2 non-polymer 'SULFATE ION'
3 water water
#
_entity_poly.entity_id   1
_entity_poly.type   'polypeptide(L)'
_entity_poly.pdbx_seq_one_letter_code
;MHHHHHHHHMSSSDEQPRPRRRNQDRQHPNQNRPVLGRTERDRNRRQFGQNFLRDRKTIARIAETAELRPDLPVLEAGPG
EGLLTRELADRARQVTSYEIDPRLAKSLREKLSGHPNIEVVNADFLTAEPPPEPFAFVGAIPYGITSAIVDWCLEAPTIE
TATMVTQLEFARKRTGDYGRWSRLTVMTWPLFEWEFVEKVDRRLFKPVPKVDSAIMRLRRRAEPLLEGAALERYESMVEL
CFTGVGGNIQASLLRKYPRRRVEAALDHAGVGGGAVVAYVRPEQWLRLFERLDQKNEPRLE
;
_entity_poly.pdbx_strand_id   A
#
# COMPACT_ATOMS: atom_id res chain seq x y z
N ASN A 51 -5.70 19.34 -3.58
CA ASN A 51 -5.88 19.38 -2.13
C ASN A 51 -4.54 19.35 -1.41
N PHE A 52 -4.29 20.37 -0.60
CA PHE A 52 -3.01 20.56 0.06
C PHE A 52 -3.20 20.46 1.57
N LEU A 53 -2.56 19.48 2.18
CA LEU A 53 -2.63 19.31 3.63
C LEU A 53 -1.82 20.41 4.31
N ARG A 54 -2.47 21.16 5.21
CA ARG A 54 -1.83 22.24 5.92
C ARG A 54 -1.64 21.99 7.41
N ASP A 55 -2.33 20.99 7.97
CA ASP A 55 -2.28 20.74 9.40
C ASP A 55 -0.90 20.23 9.80
N ARG A 56 -0.22 20.98 10.68
CA ARG A 56 1.16 20.64 11.01
C ARG A 56 1.23 19.32 11.77
N LYS A 57 0.24 19.04 12.61
CA LYS A 57 0.27 17.79 13.39
C LYS A 57 0.16 16.58 12.49
N THR A 58 -0.69 16.65 11.47
CA THR A 58 -0.82 15.52 10.54
C THR A 58 0.44 15.36 9.71
N ILE A 59 1.02 16.46 9.25
CA ILE A 59 2.25 16.39 8.47
C ILE A 59 3.34 15.70 9.27
N ALA A 60 3.49 16.07 10.54
CA ALA A 60 4.49 15.42 11.39
C ALA A 60 4.18 13.93 11.56
N ARG A 61 2.89 13.59 11.66
CA ARG A 61 2.49 12.20 11.79
C ARG A 61 2.90 11.39 10.56
N ILE A 62 2.73 11.98 9.37
CA ILE A 62 3.16 11.30 8.15
C ILE A 62 4.66 11.02 8.19
N ALA A 63 5.45 12.04 8.54
CA ALA A 63 6.90 11.88 8.52
C ALA A 63 7.34 10.80 9.50
N GLU A 64 6.74 10.77 10.70
CA GLU A 64 7.06 9.73 11.67
C GLU A 64 6.59 8.35 11.21
N THR A 65 5.46 8.29 10.50
CA THR A 65 4.94 7.02 10.02
C THR A 65 5.88 6.36 9.00
N ALA A 66 6.65 7.17 8.27
CA ALA A 66 7.43 6.63 7.17
C ALA A 66 8.61 5.78 7.64
N GLU A 67 8.92 5.78 8.93
N GLU A 67 8.91 5.75 8.93
CA GLU A 67 9.99 4.96 9.49
CA GLU A 67 10.00 4.93 9.46
C GLU A 67 11.31 5.24 8.77
C GLU A 67 11.31 5.24 8.75
N LEU A 68 11.71 6.50 8.82
CA LEU A 68 12.88 6.99 8.11
C LEU A 68 14.11 6.89 9.01
N ARG A 69 15.28 6.92 8.37
CA ARG A 69 16.55 6.87 9.09
C ARG A 69 17.61 7.56 8.24
N PRO A 70 18.73 7.94 8.82
CA PRO A 70 19.68 8.82 8.11
C PRO A 70 20.31 8.21 6.87
N ASP A 71 20.36 6.88 6.73
CA ASP A 71 20.96 6.29 5.54
C ASP A 71 19.93 5.86 4.50
N LEU A 72 18.65 6.19 4.70
CA LEU A 72 17.58 5.75 3.81
C LEU A 72 17.08 6.90 2.94
N PRO A 73 17.13 6.80 1.61
CA PRO A 73 16.56 7.85 0.77
C PRO A 73 15.06 7.72 0.63
N VAL A 74 14.41 8.85 0.33
CA VAL A 74 12.97 8.94 0.19
C VAL A 74 12.63 9.48 -1.19
N LEU A 75 11.62 8.90 -1.83
CA LEU A 75 10.99 9.48 -2.99
C LEU A 75 9.62 10.02 -2.60
N GLU A 76 9.30 11.23 -3.06
CA GLU A 76 8.04 11.87 -2.71
C GLU A 76 7.27 12.27 -3.97
N ALA A 77 5.96 12.06 -3.93
CA ALA A 77 5.06 12.49 -4.98
C ALA A 77 3.96 13.34 -4.37
N GLY A 78 3.42 14.26 -5.18
CA GLY A 78 2.47 15.23 -4.70
C GLY A 78 3.01 16.08 -3.55
N PRO A 79 4.18 16.71 -3.76
CA PRO A 79 4.80 17.47 -2.67
C PRO A 79 4.04 18.73 -2.27
N GLY A 80 3.25 19.31 -3.17
CA GLY A 80 2.47 20.48 -2.80
C GLY A 80 3.37 21.60 -2.32
N GLU A 81 3.07 22.12 -1.13
CA GLU A 81 3.77 23.27 -0.60
C GLU A 81 5.17 22.96 -0.09
N GLY A 82 5.46 21.69 0.17
CA GLY A 82 6.80 21.29 0.56
C GLY A 82 7.10 21.31 2.06
N LEU A 83 6.11 21.58 2.91
CA LEU A 83 6.37 21.49 4.35
C LEU A 83 6.66 20.05 4.75
N LEU A 84 5.86 19.10 4.27
CA LEU A 84 6.17 17.70 4.51
C LEU A 84 7.57 17.36 4.00
N THR A 85 7.94 17.88 2.83
CA THR A 85 9.25 17.59 2.28
C THR A 85 10.35 17.98 3.26
N ARG A 86 10.21 19.12 3.93
CA ARG A 86 11.20 19.55 4.91
C ARG A 86 11.30 18.56 6.06
N GLU A 87 10.16 18.07 6.54
CA GLU A 87 10.18 17.16 7.68
C GLU A 87 10.72 15.79 7.29
N LEU A 88 10.49 15.35 6.05
CA LEU A 88 11.14 14.14 5.58
C LEU A 88 12.64 14.30 5.48
N ALA A 89 13.09 15.45 4.97
CA ALA A 89 14.52 15.69 4.79
C ALA A 89 15.26 15.81 6.10
N ASP A 90 14.57 16.17 7.19
CA ASP A 90 15.19 16.19 8.51
C ASP A 90 15.54 14.80 9.02
N ARG A 91 14.89 13.75 8.51
CA ARG A 91 15.02 12.41 9.05
C ARG A 91 15.70 11.43 8.12
N ALA A 92 15.59 11.64 6.81
CA ALA A 92 16.10 10.70 5.80
C ALA A 92 17.43 11.17 5.23
N ARG A 93 18.10 10.26 4.52
CA ARG A 93 19.36 10.63 3.88
C ARG A 93 19.16 11.77 2.90
N GLN A 94 18.08 11.71 2.12
CA GLN A 94 17.77 12.69 1.09
C GLN A 94 16.34 12.45 0.63
N VAL A 95 15.76 13.47 0.02
CA VAL A 95 14.42 13.39 -0.53
C VAL A 95 14.47 13.81 -1.99
N THR A 96 13.89 12.98 -2.85
CA THR A 96 13.70 13.31 -4.25
C THR A 96 12.20 13.50 -4.44
N SER A 97 11.80 14.73 -4.75
N SER A 97 11.79 14.75 -4.68
CA SER A 97 10.41 15.16 -4.75
CA SER A 97 10.38 15.13 -4.74
C SER A 97 9.98 15.45 -6.18
C SER A 97 9.99 15.42 -6.18
N TYR A 98 8.93 14.76 -6.64
CA TYR A 98 8.46 14.87 -8.00
C TYR A 98 7.33 15.88 -8.12
N GLU A 99 7.50 16.84 -9.03
CA GLU A 99 6.46 17.81 -9.34
C GLU A 99 6.31 17.89 -10.86
N ILE A 100 5.14 17.49 -11.36
CA ILE A 100 4.96 17.38 -12.80
C ILE A 100 4.86 18.74 -13.47
N ASP A 101 4.36 19.76 -12.76
CA ASP A 101 4.14 21.08 -13.36
C ASP A 101 5.44 21.87 -13.36
N PRO A 102 5.93 22.33 -14.53
CA PRO A 102 7.25 22.98 -14.55
C PRO A 102 7.32 24.25 -13.72
N ARG A 103 6.27 25.07 -13.72
CA ARG A 103 6.29 26.30 -12.92
C ARG A 103 6.31 25.98 -11.43
N LEU A 104 5.47 25.03 -11.00
CA LEU A 104 5.46 24.63 -9.61
C LEU A 104 6.78 23.97 -9.21
N ALA A 105 7.39 23.21 -10.13
CA ALA A 105 8.66 22.57 -9.82
C ALA A 105 9.74 23.60 -9.51
N LYS A 106 9.82 24.64 -10.34
CA LYS A 106 10.82 25.68 -10.15
C LYS A 106 10.61 26.42 -8.83
N SER A 107 9.36 26.79 -8.51
CA SER A 107 9.15 27.53 -7.26
C SER A 107 9.40 26.63 -6.06
N LEU A 108 9.02 25.36 -6.13
CA LEU A 108 9.31 24.43 -5.05
C LEU A 108 10.81 24.27 -4.86
N ARG A 109 11.54 24.11 -5.96
CA ARG A 109 12.99 23.98 -5.88
C ARG A 109 13.61 25.17 -5.16
N GLU A 110 13.17 26.39 -5.48
CA GLU A 110 13.70 27.58 -4.81
C GLU A 110 13.26 27.63 -3.35
N LYS A 111 12.00 27.30 -3.09
N LYS A 111 12.00 27.31 -3.08
CA LYS A 111 11.51 27.33 -1.72
CA LYS A 111 11.50 27.33 -1.71
C LYS A 111 12.28 26.40 -0.80
C LYS A 111 12.32 26.41 -0.80
N LEU A 112 12.77 25.28 -1.33
CA LEU A 112 13.44 24.27 -0.53
C LEU A 112 14.97 24.31 -0.67
N SER A 113 15.52 25.34 -1.30
CA SER A 113 16.95 25.36 -1.60
C SER A 113 17.82 25.45 -0.35
N GLY A 114 17.24 25.83 0.80
CA GLY A 114 17.96 25.80 2.05
C GLY A 114 18.17 24.42 2.65
N HIS A 115 17.69 23.38 1.97
CA HIS A 115 17.88 22.00 2.40
C HIS A 115 18.74 21.28 1.37
N PRO A 116 20.05 21.11 1.62
CA PRO A 116 20.92 20.53 0.58
C PRO A 116 20.56 19.10 0.20
N ASN A 117 19.83 18.36 1.04
CA ASN A 117 19.50 16.97 0.73
C ASN A 117 18.12 16.82 0.11
N ILE A 118 17.56 17.90 -0.43
CA ILE A 118 16.31 17.85 -1.19
C ILE A 118 16.61 18.14 -2.65
N GLU A 119 16.06 17.30 -3.51
CA GLU A 119 16.11 17.49 -4.95
C GLU A 119 14.68 17.47 -5.46
N VAL A 120 14.35 18.40 -6.33
CA VAL A 120 13.03 18.47 -6.98
C VAL A 120 13.20 18.04 -8.43
N VAL A 121 12.43 17.05 -8.84
CA VAL A 121 12.44 16.53 -10.21
C VAL A 121 11.15 16.99 -10.87
N ASN A 122 11.30 17.63 -12.04
CA ASN A 122 10.15 18.08 -12.83
C ASN A 122 9.76 16.94 -13.76
N ALA A 123 8.93 16.03 -13.26
CA ALA A 123 8.56 14.86 -14.03
C ALA A 123 7.32 14.22 -13.41
N ASP A 124 6.68 13.36 -14.21
CA ASP A 124 5.58 12.53 -13.77
C ASP A 124 6.12 11.34 -12.97
N PHE A 125 5.76 11.27 -11.68
CA PHE A 125 6.26 10.20 -10.83
C PHE A 125 5.92 8.82 -11.38
N LEU A 126 4.79 8.71 -12.08
CA LEU A 126 4.30 7.38 -12.47
C LEU A 126 5.20 6.71 -13.49
N THR A 127 6.04 7.46 -14.20
CA THR A 127 6.99 6.89 -15.15
C THR A 127 8.41 6.87 -14.59
N ALA A 128 8.60 7.21 -13.33
CA ALA A 128 9.91 7.19 -12.71
C ALA A 128 10.32 5.76 -12.35
N GLU A 129 11.62 5.48 -12.44
CA GLU A 129 12.19 4.21 -12.02
C GLU A 129 12.54 4.27 -10.54
N PRO A 130 12.31 3.19 -9.77
CA PRO A 130 12.76 3.21 -8.38
C PRO A 130 14.27 3.13 -8.30
N PRO A 131 14.88 3.63 -7.24
CA PRO A 131 16.33 3.53 -7.11
C PRO A 131 16.74 2.11 -6.82
N PRO A 132 17.95 1.71 -7.23
CA PRO A 132 18.37 0.31 -7.04
C PRO A 132 18.97 0.04 -5.67
N GLU A 133 18.43 0.69 -4.66
CA GLU A 133 18.84 0.53 -3.27
C GLU A 133 17.60 0.65 -2.40
N PRO A 134 17.65 0.24 -1.13
CA PRO A 134 16.48 0.40 -0.27
C PRO A 134 16.06 1.85 -0.19
N PHE A 135 14.75 2.07 -0.13
CA PHE A 135 14.21 3.44 -0.10
C PHE A 135 12.80 3.39 0.47
N ALA A 136 12.28 4.57 0.78
CA ALA A 136 10.91 4.73 1.21
C ALA A 136 10.19 5.68 0.26
N PHE A 137 8.89 5.46 0.09
CA PHE A 137 8.04 6.35 -0.67
C PHE A 137 7.08 7.05 0.28
N VAL A 138 6.89 8.36 0.07
CA VAL A 138 5.88 9.13 0.78
C VAL A 138 5.12 9.95 -0.25
N GLY A 139 3.80 10.02 -0.12
CA GLY A 139 3.03 10.74 -1.13
C GLY A 139 1.66 11.15 -0.66
N ALA A 140 1.23 12.31 -1.13
CA ALA A 140 -0.16 12.73 -1.10
C ALA A 140 -0.71 12.52 -2.50
N ILE A 141 -1.65 11.60 -2.64
CA ILE A 141 -2.01 11.05 -3.94
C ILE A 141 -3.36 11.63 -4.36
N PRO A 142 -3.45 12.26 -5.53
CA PRO A 142 -4.77 12.63 -6.07
C PRO A 142 -5.66 11.43 -6.29
N TYR A 143 -6.96 11.67 -6.27
CA TYR A 143 -7.94 10.58 -6.27
C TYR A 143 -7.78 9.67 -7.48
N GLY A 144 -7.49 10.23 -8.65
CA GLY A 144 -7.57 9.47 -9.88
C GLY A 144 -6.40 8.55 -10.20
N ILE A 145 -5.33 8.57 -9.41
CA ILE A 145 -4.16 7.74 -9.71
C ILE A 145 -3.72 6.95 -8.49
N THR A 146 -4.61 6.78 -7.51
CA THR A 146 -4.20 6.13 -6.27
C THR A 146 -3.80 4.68 -6.51
N SER A 147 -4.60 3.93 -7.26
CA SER A 147 -4.26 2.54 -7.52
C SER A 147 -2.96 2.43 -8.30
N ALA A 148 -2.69 3.38 -9.19
CA ALA A 148 -1.46 3.30 -9.98
C ALA A 148 -0.24 3.54 -9.11
N ILE A 149 -0.34 4.44 -8.13
CA ILE A 149 0.78 4.69 -7.23
C ILE A 149 1.04 3.46 -6.35
N VAL A 150 -0.04 2.86 -5.83
CA VAL A 150 0.11 1.61 -5.08
C VAL A 150 0.84 0.56 -5.91
N ASP A 151 0.43 0.39 -7.18
CA ASP A 151 1.10 -0.58 -8.05
C ASP A 151 2.58 -0.21 -8.23
N TRP A 152 2.88 1.08 -8.39
CA TRP A 152 4.27 1.51 -8.48
C TRP A 152 5.07 1.01 -7.30
N CYS A 153 4.52 1.17 -6.09
CA CYS A 153 5.21 0.76 -4.87
C CYS A 153 5.31 -0.76 -4.76
N LEU A 154 4.22 -1.47 -5.08
CA LEU A 154 4.25 -2.93 -5.00
C LEU A 154 5.30 -3.52 -5.93
N GLU A 155 5.57 -2.85 -7.06
CA GLU A 155 6.47 -3.39 -8.06
C GLU A 155 7.93 -2.96 -7.86
N ALA A 156 8.21 -2.06 -6.91
CA ALA A 156 9.58 -1.65 -6.64
C ALA A 156 10.28 -2.66 -5.73
N PRO A 157 11.22 -3.45 -6.25
CA PRO A 157 11.73 -4.58 -5.43
C PRO A 157 12.52 -4.16 -4.21
N THR A 158 13.07 -2.94 -4.15
CA THR A 158 13.88 -2.51 -3.01
C THR A 158 13.13 -1.62 -2.04
N ILE A 159 11.84 -1.36 -2.26
CA ILE A 159 11.12 -0.48 -1.36
C ILE A 159 11.05 -1.11 0.03
N GLU A 160 11.12 -0.26 1.06
CA GLU A 160 10.89 -0.69 2.43
C GLU A 160 9.48 -0.36 2.88
N THR A 161 9.11 0.93 2.86
CA THR A 161 7.79 1.37 3.26
C THR A 161 7.26 2.37 2.25
N ALA A 162 5.94 2.43 2.16
CA ALA A 162 5.24 3.42 1.36
C ALA A 162 4.16 4.02 2.25
N THR A 163 4.24 5.33 2.48
CA THR A 163 3.30 6.04 3.33
C THR A 163 2.52 7.00 2.43
N MET A 164 1.20 6.86 2.43
N MET A 164 1.20 6.88 2.45
CA MET A 164 0.34 7.56 1.49
CA MET A 164 0.36 7.58 1.48
C MET A 164 -0.81 8.22 2.21
C MET A 164 -0.84 8.21 2.17
N VAL A 165 -1.16 9.43 1.75
CA VAL A 165 -2.42 10.07 2.09
C VAL A 165 -3.36 9.83 0.93
N THR A 166 -4.47 9.13 1.18
CA THR A 166 -5.45 8.79 0.16
C THR A 166 -6.84 9.18 0.64
N GLN A 167 -7.83 9.00 -0.23
CA GLN A 167 -9.20 9.10 0.23
C GLN A 167 -9.45 8.05 1.31
N LEU A 168 -10.36 8.37 2.22
CA LEU A 168 -10.62 7.49 3.36
C LEU A 168 -11.09 6.12 2.93
N GLU A 169 -12.06 6.06 2.02
CA GLU A 169 -12.65 4.76 1.68
C GLU A 169 -11.65 3.86 0.97
N PHE A 170 -10.80 4.44 0.12
CA PHE A 170 -9.74 3.66 -0.52
C PHE A 170 -8.84 3.01 0.52
N ALA A 171 -8.44 3.78 1.54
CA ALA A 171 -7.52 3.26 2.55
C ALA A 171 -8.19 2.18 3.39
N ARG A 172 -9.47 2.35 3.72
CA ARG A 172 -10.17 1.35 4.53
C ARG A 172 -10.27 0.02 3.79
N LYS A 173 -10.61 0.04 2.51
CA LYS A 173 -10.74 -1.20 1.75
C LYS A 173 -9.38 -1.90 1.64
N ARG A 174 -8.33 -1.15 1.32
CA ARG A 174 -7.01 -1.75 1.08
C ARG A 174 -6.37 -2.25 2.37
N THR A 175 -6.83 -1.81 3.53
CA THR A 175 -6.30 -2.25 4.81
C THR A 175 -7.28 -3.11 5.58
N GLY A 176 -8.45 -3.39 5.03
CA GLY A 176 -9.46 -4.15 5.75
C GLY A 176 -9.91 -3.51 7.05
N ASP A 177 -9.95 -2.18 7.10
CA ASP A 177 -10.17 -1.49 8.36
C ASP A 177 -11.59 -1.66 8.88
N TYR A 178 -12.56 -1.99 8.01
CA TYR A 178 -13.92 -2.27 8.44
C TYR A 178 -14.39 -3.68 8.07
N GLY A 179 -13.47 -4.59 7.77
CA GLY A 179 -13.80 -5.99 7.61
C GLY A 179 -13.82 -6.48 6.16
N ARG A 180 -13.88 -5.58 5.19
CA ARG A 180 -13.88 -5.95 3.79
C ARG A 180 -12.48 -5.79 3.21
N TRP A 181 -12.06 -6.77 2.41
CA TRP A 181 -10.66 -6.90 2.00
C TRP A 181 -10.54 -6.82 0.48
N SER A 182 -9.61 -5.98 0.03
CA SER A 182 -9.26 -5.91 -1.38
C SER A 182 -8.57 -7.19 -1.83
N ARG A 183 -8.89 -7.63 -3.05
CA ARG A 183 -8.21 -8.78 -3.63
C ARG A 183 -6.70 -8.56 -3.71
N LEU A 184 -6.28 -7.37 -4.13
CA LEU A 184 -4.85 -7.10 -4.23
C LEU A 184 -4.17 -7.19 -2.87
N THR A 185 -4.85 -6.76 -1.81
CA THR A 185 -4.28 -6.87 -0.46
C THR A 185 -4.05 -8.33 -0.09
N VAL A 186 -5.03 -9.18 -0.36
CA VAL A 186 -4.90 -10.61 -0.05
C VAL A 186 -3.78 -11.23 -0.89
N MET A 187 -3.74 -10.91 -2.18
N MET A 187 -3.74 -10.91 -2.18
CA MET A 187 -2.74 -11.47 -3.07
CA MET A 187 -2.72 -11.48 -3.06
C MET A 187 -1.32 -11.12 -2.65
C MET A 187 -1.31 -11.13 -2.63
N THR A 188 -1.11 -9.88 -2.19
CA THR A 188 0.23 -9.40 -1.85
C THR A 188 0.57 -9.54 -0.37
N TRP A 189 -0.37 -9.98 0.45
CA TRP A 189 -0.13 -10.11 1.88
C TRP A 189 1.10 -10.95 2.21
N PRO A 190 1.45 -12.01 1.47
CA PRO A 190 2.69 -12.72 1.78
C PRO A 190 3.94 -11.88 1.59
N LEU A 191 3.87 -10.78 0.84
CA LEU A 191 5.01 -9.91 0.60
C LEU A 191 4.92 -8.58 1.32
N PHE A 192 3.71 -8.07 1.57
CA PHE A 192 3.49 -6.74 2.11
C PHE A 192 2.51 -6.75 3.27
N GLU A 193 2.83 -5.99 4.30
CA GLU A 193 1.84 -5.59 5.31
C GLU A 193 1.12 -4.34 4.82
N TRP A 194 -0.19 -4.29 5.05
CA TRP A 194 -1.02 -3.13 4.72
C TRP A 194 -1.61 -2.63 6.03
N GLU A 195 -1.36 -1.36 6.35
N GLU A 195 -1.33 -1.38 6.37
CA GLU A 195 -1.71 -0.83 7.66
CA GLU A 195 -1.73 -0.84 7.66
C GLU A 195 -2.48 0.47 7.52
C GLU A 195 -2.50 0.46 7.49
N PHE A 196 -3.60 0.57 8.24
CA PHE A 196 -4.37 1.81 8.32
C PHE A 196 -3.83 2.62 9.49
N VAL A 197 -3.38 3.84 9.22
CA VAL A 197 -2.77 4.64 10.27
C VAL A 197 -3.82 5.53 10.93
N GLU A 198 -4.46 6.41 10.16
CA GLU A 198 -5.48 7.27 10.76
C GLU A 198 -6.29 7.96 9.67
N LYS A 199 -7.52 8.33 10.03
CA LYS A 199 -8.33 9.20 9.20
C LYS A 199 -7.79 10.62 9.24
N VAL A 200 -7.97 11.35 8.14
CA VAL A 200 -7.55 12.74 8.03
C VAL A 200 -8.76 13.55 7.58
N ASP A 201 -9.26 14.42 8.44
CA ASP A 201 -10.49 15.15 8.15
C ASP A 201 -10.28 16.13 6.99
N ARG A 202 -11.31 16.26 6.16
CA ARG A 202 -11.25 17.15 5.00
C ARG A 202 -10.86 18.57 5.37
N ARG A 203 -11.29 19.05 6.54
CA ARG A 203 -11.05 20.45 6.90
C ARG A 203 -9.57 20.76 7.13
N LEU A 204 -8.70 19.74 7.19
CA LEU A 204 -7.28 19.97 7.36
C LEU A 204 -6.56 20.27 6.05
N PHE A 205 -7.28 20.28 4.93
CA PHE A 205 -6.69 20.55 3.62
C PHE A 205 -7.12 21.94 3.15
N LYS A 206 -6.47 22.39 2.08
CA LYS A 206 -6.83 23.63 1.41
C LYS A 206 -6.54 23.52 -0.08
N PRO A 207 -7.57 23.65 -0.94
CA PRO A 207 -8.96 23.86 -0.51
C PRO A 207 -9.55 22.62 0.16
N VAL A 208 -10.67 22.80 0.85
CA VAL A 208 -11.30 21.68 1.55
C VAL A 208 -11.96 20.75 0.53
N PRO A 209 -11.64 19.44 0.53
CA PRO A 209 -12.31 18.53 -0.41
C PRO A 209 -13.70 18.12 0.05
N LYS A 210 -14.33 17.21 -0.69
CA LYS A 210 -15.68 16.76 -0.35
C LYS A 210 -15.68 15.57 0.60
N VAL A 211 -14.70 14.68 0.51
CA VAL A 211 -14.62 13.51 1.36
C VAL A 211 -13.34 13.58 2.18
N ASP A 212 -13.30 12.75 3.22
CA ASP A 212 -12.16 12.71 4.11
C ASP A 212 -11.06 11.83 3.53
N SER A 213 -9.87 11.97 4.10
CA SER A 213 -8.70 11.23 3.65
C SER A 213 -8.21 10.32 4.77
N ALA A 214 -7.07 9.68 4.54
CA ALA A 214 -6.48 8.79 5.52
C ALA A 214 -5.01 8.63 5.21
N ILE A 215 -4.24 8.27 6.24
CA ILE A 215 -2.87 7.83 6.06
C ILE A 215 -2.87 6.32 6.10
N MET A 216 -2.29 5.70 5.09
CA MET A 216 -2.10 4.26 5.05
C MET A 216 -0.63 3.98 4.71
N ARG A 217 -0.16 2.80 5.11
CA ARG A 217 1.23 2.43 4.93
C ARG A 217 1.34 1.00 4.43
N LEU A 218 2.21 0.80 3.45
CA LEU A 218 2.67 -0.53 3.05
C LEU A 218 4.06 -0.75 3.60
N ARG A 219 4.32 -1.95 4.13
CA ARG A 219 5.66 -2.35 4.54
C ARG A 219 6.01 -3.63 3.80
N ARG A 220 7.11 -3.60 3.05
CA ARG A 220 7.60 -4.82 2.42
C ARG A 220 8.26 -5.68 3.48
N ARG A 221 7.77 -6.91 3.65
CA ARG A 221 8.26 -7.78 4.70
C ARG A 221 9.72 -8.16 4.44
N ALA A 222 10.53 -8.11 5.49
CA ALA A 222 11.93 -8.51 5.37
C ALA A 222 12.03 -9.96 4.92
N GLU A 223 11.21 -10.85 5.49
CA GLU A 223 11.11 -12.22 5.02
C GLU A 223 9.71 -12.47 4.47
N PRO A 224 9.56 -12.80 3.19
CA PRO A 224 8.22 -13.11 2.66
C PRO A 224 7.63 -14.32 3.35
N LEU A 225 6.29 -14.31 3.51
CA LEU A 225 5.60 -15.43 4.14
C LEU A 225 5.53 -16.65 3.24
N LEU A 226 5.64 -16.45 1.94
CA LEU A 226 5.73 -17.54 0.97
C LEU A 226 6.66 -17.09 -0.14
N GLU A 227 7.26 -18.07 -0.82
CA GLU A 227 8.19 -17.78 -1.91
C GLU A 227 8.06 -18.84 -3.00
N GLY A 228 8.58 -18.50 -4.18
CA GLY A 228 8.71 -19.47 -5.24
C GLY A 228 7.38 -20.05 -5.69
N ALA A 229 7.38 -21.36 -5.91
CA ALA A 229 6.19 -22.03 -6.45
C ALA A 229 5.06 -22.07 -5.43
N ALA A 230 5.37 -22.18 -4.14
CA ALA A 230 4.32 -22.14 -3.13
C ALA A 230 3.57 -20.81 -3.19
N LEU A 231 4.29 -19.70 -3.31
CA LEU A 231 3.64 -18.41 -3.45
C LEU A 231 2.73 -18.38 -4.67
N GLU A 232 3.20 -18.93 -5.80
N GLU A 232 3.20 -18.94 -5.80
CA GLU A 232 2.37 -18.97 -7.00
CA GLU A 232 2.38 -18.99 -6.99
C GLU A 232 1.12 -19.80 -6.77
C GLU A 232 1.12 -19.80 -6.77
N ARG A 233 1.24 -20.92 -6.05
CA ARG A 233 0.06 -21.72 -5.75
C ARG A 233 -0.91 -20.95 -4.84
N TYR A 234 -0.39 -20.17 -3.91
CA TYR A 234 -1.23 -19.31 -3.09
C TYR A 234 -1.97 -18.30 -3.96
N GLU A 235 -1.26 -17.65 -4.88
N GLU A 235 -1.25 -17.62 -4.84
CA GLU A 235 -1.91 -16.72 -5.78
CA GLU A 235 -1.87 -16.62 -5.71
C GLU A 235 -3.02 -17.39 -6.59
C GLU A 235 -2.95 -17.24 -6.58
N SER A 236 -2.76 -18.62 -7.05
N SER A 236 -2.72 -18.46 -7.06
CA SER A 236 -3.78 -19.34 -7.81
CA SER A 236 -3.73 -19.15 -7.86
C SER A 236 -5.02 -19.59 -6.97
C SER A 236 -4.98 -19.46 -7.04
N MET A 237 -4.84 -20.01 -5.71
N MET A 237 -4.80 -19.84 -5.77
CA MET A 237 -5.95 -20.12 -4.78
CA MET A 237 -5.95 -20.11 -4.91
C MET A 237 -6.76 -18.83 -4.76
C MET A 237 -6.76 -18.85 -4.67
N VAL A 238 -6.10 -17.73 -4.39
CA VAL A 238 -6.82 -16.48 -4.13
C VAL A 238 -7.58 -16.04 -5.38
N GLU A 239 -6.90 -16.07 -6.53
CA GLU A 239 -7.56 -15.77 -7.80
C GLU A 239 -8.81 -16.62 -7.97
N LEU A 240 -8.67 -17.93 -7.79
CA LEU A 240 -9.78 -18.86 -8.00
C LEU A 240 -10.99 -18.48 -7.16
N CYS A 241 -10.76 -18.12 -5.89
CA CYS A 241 -11.87 -17.87 -4.99
C CYS A 241 -12.53 -16.52 -5.23
N PHE A 242 -11.77 -15.52 -5.68
CA PHE A 242 -12.33 -14.20 -5.91
C PHE A 242 -13.18 -14.12 -7.18
N THR A 243 -13.11 -15.13 -8.07
CA THR A 243 -14.00 -15.15 -9.21
C THR A 243 -15.43 -15.53 -8.80
N GLY A 244 -15.57 -16.34 -7.76
CA GLY A 244 -16.87 -16.75 -7.27
C GLY A 244 -17.47 -17.95 -7.97
N VAL A 245 -16.71 -18.66 -8.80
CA VAL A 245 -17.26 -19.77 -9.56
C VAL A 245 -17.85 -20.80 -8.62
N GLY A 246 -19.08 -21.24 -8.91
CA GLY A 246 -19.77 -22.21 -8.11
C GLY A 246 -20.75 -21.64 -7.11
N GLY A 247 -20.63 -20.35 -6.79
CA GLY A 247 -21.56 -19.70 -5.88
C GLY A 247 -20.94 -19.32 -4.55
N ASN A 248 -20.14 -20.22 -3.97
CA ASN A 248 -19.55 -20.01 -2.66
C ASN A 248 -18.07 -20.38 -2.70
N ILE A 249 -17.35 -19.97 -1.66
CA ILE A 249 -15.92 -20.24 -1.61
C ILE A 249 -15.67 -21.74 -1.65
N GLN A 250 -16.50 -22.53 -0.98
CA GLN A 250 -16.32 -23.98 -1.02
C GLN A 250 -16.46 -24.50 -2.44
N ALA A 251 -17.47 -24.03 -3.18
CA ALA A 251 -17.67 -24.50 -4.55
C ALA A 251 -16.50 -24.12 -5.43
N SER A 252 -15.96 -22.91 -5.27
CA SER A 252 -14.80 -22.50 -6.04
C SER A 252 -13.61 -23.41 -5.77
N LEU A 253 -13.33 -23.67 -4.49
CA LEU A 253 -12.19 -24.52 -4.15
C LEU A 253 -12.35 -25.93 -4.70
N LEU A 254 -13.58 -26.42 -4.78
CA LEU A 254 -13.82 -27.78 -5.27
C LEU A 254 -13.44 -27.92 -6.74
N ARG A 255 -13.37 -26.81 -7.49
CA ARG A 255 -12.94 -26.86 -8.88
C ARG A 255 -11.48 -27.27 -9.01
N LYS A 256 -10.70 -27.13 -7.94
CA LYS A 256 -9.27 -27.42 -7.97
C LYS A 256 -8.81 -28.42 -6.91
N TYR A 257 -9.52 -28.58 -5.81
CA TYR A 257 -9.05 -29.41 -4.71
C TYR A 257 -10.07 -30.48 -4.36
N PRO A 258 -9.64 -31.61 -3.80
CA PRO A 258 -10.61 -32.65 -3.41
C PRO A 258 -11.48 -32.21 -2.25
N ARG A 259 -12.71 -32.75 -2.22
CA ARG A 259 -13.69 -32.35 -1.22
C ARG A 259 -13.15 -32.53 0.19
N ARG A 260 -12.57 -33.70 0.49
CA ARG A 260 -12.09 -33.96 1.84
C ARG A 260 -11.08 -32.91 2.28
N ARG A 261 -10.18 -32.52 1.38
CA ARG A 261 -9.15 -31.54 1.73
C ARG A 261 -9.74 -30.14 1.84
N VAL A 262 -10.74 -29.82 1.03
CA VAL A 262 -11.38 -28.50 1.10
C VAL A 262 -12.07 -28.33 2.45
N GLU A 263 -12.84 -29.33 2.87
N GLU A 263 -12.83 -29.34 2.88
CA GLU A 263 -13.51 -29.26 4.16
CA GLU A 263 -13.51 -29.26 4.16
C GLU A 263 -12.50 -29.11 5.29
C GLU A 263 -12.51 -29.12 5.30
N ALA A 264 -11.41 -29.88 5.25
CA ALA A 264 -10.39 -29.80 6.29
C ALA A 264 -9.74 -28.41 6.29
N ALA A 265 -9.53 -27.83 5.11
CA ALA A 265 -8.86 -26.54 5.02
C ALA A 265 -9.73 -25.41 5.53
N LEU A 266 -11.01 -25.40 5.13
CA LEU A 266 -11.95 -24.42 5.66
C LEU A 266 -11.98 -24.45 7.17
N ASP A 267 -12.11 -25.65 7.75
CA ASP A 267 -12.16 -25.77 9.20
C ASP A 267 -10.86 -25.29 9.84
N HIS A 268 -9.72 -25.66 9.26
CA HIS A 268 -8.43 -25.21 9.77
C HIS A 268 -8.35 -23.69 9.78
N ALA A 269 -8.84 -23.04 8.74
CA ALA A 269 -8.81 -21.59 8.64
C ALA A 269 -9.90 -20.91 9.45
N GLY A 270 -10.87 -21.66 9.96
CA GLY A 270 -11.99 -21.05 10.64
C GLY A 270 -12.93 -20.32 9.71
N VAL A 271 -13.08 -20.80 8.48
CA VAL A 271 -13.88 -20.15 7.44
C VAL A 271 -15.05 -21.04 7.10
N GLY A 272 -16.24 -20.44 6.97
CA GLY A 272 -17.41 -21.18 6.54
C GLY A 272 -17.40 -21.43 5.05
N GLY A 273 -17.99 -22.56 4.65
CA GLY A 273 -18.09 -22.90 3.25
C GLY A 273 -18.87 -21.90 2.41
N GLY A 274 -19.73 -21.12 3.05
CA GLY A 274 -20.52 -20.12 2.33
C GLY A 274 -20.05 -18.71 2.59
N ALA A 275 -18.83 -18.56 3.10
CA ALA A 275 -18.33 -17.25 3.51
C ALA A 275 -18.29 -16.28 2.34
N VAL A 276 -18.56 -15.01 2.64
CA VAL A 276 -18.37 -13.94 1.67
C VAL A 276 -16.87 -13.74 1.48
N VAL A 277 -16.39 -13.93 0.25
CA VAL A 277 -14.96 -13.98 -0.02
C VAL A 277 -14.27 -12.72 0.48
N ALA A 278 -14.89 -11.55 0.27
CA ALA A 278 -14.27 -10.28 0.62
C ALA A 278 -14.12 -10.09 2.13
N TYR A 279 -14.78 -10.91 2.95
CA TYR A 279 -14.67 -10.77 4.40
C TYR A 279 -13.78 -11.82 5.05
N VAL A 280 -13.19 -12.72 4.26
CA VAL A 280 -12.15 -13.60 4.78
C VAL A 280 -10.89 -12.77 5.06
N ARG A 281 -10.29 -12.98 6.23
CA ARG A 281 -9.13 -12.21 6.62
C ARG A 281 -7.84 -12.80 6.04
N PRO A 282 -6.81 -11.96 5.88
CA PRO A 282 -5.53 -12.49 5.35
C PRO A 282 -4.98 -13.66 6.16
N GLU A 283 -5.08 -13.60 7.49
CA GLU A 283 -4.57 -14.71 8.28
C GLU A 283 -5.36 -15.99 8.01
N GLN A 284 -6.64 -15.87 7.67
CA GLN A 284 -7.43 -17.03 7.30
C GLN A 284 -7.04 -17.56 5.92
N TRP A 285 -6.76 -16.68 4.96
CA TRP A 285 -6.31 -17.12 3.66
C TRP A 285 -5.02 -17.93 3.77
N LEU A 286 -4.08 -17.47 4.61
CA LEU A 286 -2.83 -18.20 4.80
C LEU A 286 -3.07 -19.58 5.38
N ARG A 287 -3.91 -19.66 6.41
CA ARG A 287 -4.23 -20.96 7.00
C ARG A 287 -4.94 -21.87 6.00
N LEU A 288 -5.88 -21.31 5.24
CA LEU A 288 -6.57 -22.07 4.21
C LEU A 288 -5.57 -22.69 3.24
N PHE A 289 -4.61 -21.88 2.77
CA PHE A 289 -3.63 -22.37 1.81
C PHE A 289 -2.73 -23.41 2.45
N GLU A 290 -2.31 -23.16 3.69
CA GLU A 290 -1.45 -24.10 4.41
C GLU A 290 -2.02 -25.51 4.36
N ARG A 291 -3.30 -25.66 4.71
CA ARG A 291 -3.91 -26.99 4.75
C ARG A 291 -4.15 -27.51 3.34
N LEU A 292 -4.57 -26.63 2.42
CA LEU A 292 -4.81 -27.10 1.05
C LEU A 292 -3.53 -27.57 0.38
N ASP A 293 -2.40 -26.95 0.71
CA ASP A 293 -1.15 -27.21 0.01
C ASP A 293 -0.43 -28.44 0.53
N GLN A 294 -1.02 -29.18 1.47
CA GLN A 294 -0.42 -30.41 1.95
C GLN A 294 -0.69 -31.57 1.01
#